data_4A7C
#
_entry.id   4A7C
#
_cell.length_a   99.355
_cell.length_b   99.355
_cell.length_c   81.119
_cell.angle_alpha   90.00
_cell.angle_beta   90.00
_cell.angle_gamma   120.00
#
_symmetry.space_group_name_H-M   'P 65'
#
loop_
_entity.id
_entity.type
_entity.pdbx_description
1 polymer 'PROTO-ONCOGENE SERINE/THREONINE-PROTEIN KINASE PIM-1'
2 non-polymer N-(piperidin-4-ylmethyl)-3-[3-(trifluoromethyloxy)phenyl]-[1,2,3]triazolo[4,5-b]pyridin-5-amine
3 non-polymer IMIDAZOLE
4 non-polymer 'ACETATE ION'
5 water water
#
_entity_poly.entity_id   1
_entity_poly.type   'polypeptide(L)'
_entity_poly.pdbx_seq_one_letter_code
;MGSSHHHHHHSSGLEVLFQGPHMKEKEPLESQYQVGPLLGSGGFGSVYSGIRVSDNLPVAIKHVEKDRISDWGELPNGTR
VPMEVVLLKKVSSGFSGVIRLLDWFERPDSFVLILERPEPVQDLFDFITERGALQEELARSFFWQVLEAVRHCHNCGVLH
RDIKDENILIDLNRGELKLIDFGSGALLKDTVYTDFDGTRVYSPPEWIRYHRYHGRSAAVWSLGILLYDMVCGDIPFEHD
EEIIRGQVFFRQRVS(SEP)ECQHLIRWCLALRPSDRPTFEEIQNHPWMQDVLLPQETAEIHLHSLSPGPSK
;
_entity_poly.pdbx_strand_id   A
#
loop_
_chem_comp.id
_chem_comp.type
_chem_comp.name
_chem_comp.formula
ACT non-polymer 'ACETATE ION' 'C2 H3 O2 -1'
E46 non-polymer N-(piperidin-4-ylmethyl)-3-[3-(trifluoromethyloxy)phenyl]-[1,2,3]triazolo[4,5-b]pyridin-5-amine 'C18 H19 F3 N6 O'
IMD non-polymer IMIDAZOLE 'C3 H5 N2 1'
#
# COMPACT_ATOMS: atom_id res chain seq x y z
N GLU A 27 -16.25 -8.21 27.71
CA GLU A 27 -15.29 -7.27 27.16
C GLU A 27 -15.83 -6.60 25.89
N PRO A 28 -15.58 -5.29 25.76
CA PRO A 28 -16.05 -4.47 24.64
C PRO A 28 -15.61 -4.96 23.26
N LEU A 29 -14.55 -5.78 23.19
CA LEU A 29 -14.13 -6.35 21.91
C LEU A 29 -15.00 -7.54 21.53
N GLU A 30 -15.07 -8.51 22.44
CA GLU A 30 -15.72 -9.79 22.15
C GLU A 30 -17.24 -9.68 21.99
N SER A 31 -17.80 -8.58 22.49
CA SER A 31 -19.25 -8.37 22.44
C SER A 31 -19.65 -7.51 21.25
N GLN A 32 -18.77 -6.60 20.84
CA GLN A 32 -19.06 -5.72 19.70
C GLN A 32 -18.80 -6.40 18.35
N TYR A 33 -17.98 -7.44 18.34
CA TYR A 33 -17.56 -8.07 17.10
C TYR A 33 -17.62 -9.58 17.15
N GLN A 34 -17.99 -10.16 16.02
CA GLN A 34 -18.11 -11.60 15.90
C GLN A 34 -17.01 -12.16 14.99
N VAL A 35 -16.10 -12.93 15.58
CA VAL A 35 -14.92 -13.39 14.86
C VAL A 35 -15.23 -14.50 13.86
N GLY A 36 -14.62 -14.39 12.69
CA GLY A 36 -14.72 -15.41 11.66
C GLY A 36 -13.37 -16.03 11.42
N PRO A 37 -13.17 -16.61 10.22
CA PRO A 37 -11.95 -17.29 9.79
C PRO A 37 -10.72 -16.38 9.84
N LEU A 38 -9.57 -16.99 10.14
CA LEU A 38 -8.29 -16.29 10.04
C LEU A 38 -8.05 -16.00 8.56
N LEU A 39 -7.74 -14.75 8.23
CA LEU A 39 -7.50 -14.42 6.83
C LEU A 39 -6.03 -14.54 6.47
N GLY A 40 -5.15 -14.29 7.43
CA GLY A 40 -3.72 -14.40 7.20
C GLY A 40 -2.94 -14.11 8.48
N SER A 41 -1.66 -14.45 8.47
CA SER A 41 -0.78 -14.22 9.62
C SER A 41 0.62 -13.94 9.09
N GLY A 42 1.38 -13.11 9.80
CA GLY A 42 2.75 -12.86 9.40
C GLY A 42 3.37 -11.71 10.18
N GLY A 43 4.30 -11.00 9.56
CA GLY A 43 5.00 -9.91 10.21
C GLY A 43 4.04 -8.85 10.76
N PHE A 44 2.83 -8.84 10.21
CA PHE A 44 1.82 -7.87 10.57
C PHE A 44 0.94 -8.35 11.74
N GLY A 45 1.16 -9.60 12.18
CA GLY A 45 0.31 -10.20 13.21
C GLY A 45 -0.67 -11.22 12.64
N SER A 46 -1.87 -11.31 13.22
CA SER A 46 -2.90 -12.22 12.74
C SER A 46 -4.17 -11.46 12.38
N VAL A 47 -4.68 -11.67 11.17
CA VAL A 47 -5.83 -10.93 10.69
C VAL A 47 -7.03 -11.85 10.51
N TYR A 48 -8.16 -11.51 11.14
CA TYR A 48 -9.37 -12.31 11.07
C TYR A 48 -10.48 -11.58 10.32
N SER A 49 -11.29 -12.33 9.60
CA SER A 49 -12.56 -11.81 9.10
C SER A 49 -13.50 -11.69 10.28
N GLY A 50 -14.46 -10.78 10.21
CA GLY A 50 -15.37 -10.55 11.32
C GLY A 50 -16.57 -9.68 10.94
N ILE A 51 -17.50 -9.52 11.88
CA ILE A 51 -18.66 -8.65 11.69
C ILE A 51 -18.91 -7.78 12.92
N ARG A 52 -19.31 -6.53 12.71
CA ARG A 52 -19.80 -5.74 13.82
C ARG A 52 -21.22 -6.22 14.11
N VAL A 53 -21.50 -6.59 15.36
CA VAL A 53 -22.75 -7.27 15.68
C VAL A 53 -23.95 -6.34 15.50
N SER A 54 -23.79 -5.08 15.88
CA SER A 54 -24.87 -4.12 15.73
C SER A 54 -25.44 -4.12 14.31
N ASP A 55 -24.67 -3.61 13.35
CA ASP A 55 -25.16 -3.41 11.99
C ASP A 55 -24.64 -4.41 10.96
N ASN A 56 -24.08 -5.51 11.42
CA ASN A 56 -23.53 -6.54 10.53
C ASN A 56 -22.54 -6.02 9.47
N LEU A 57 -21.93 -4.86 9.71
CA LEU A 57 -20.83 -4.39 8.87
C LEU A 57 -19.70 -5.42 8.91
N PRO A 58 -19.23 -5.83 7.73
CA PRO A 58 -18.00 -6.64 7.63
C PRO A 58 -16.77 -5.86 8.08
N VAL A 59 -15.90 -6.52 8.82
CA VAL A 59 -14.69 -5.91 9.33
C VAL A 59 -13.55 -6.91 9.29
N ALA A 60 -12.34 -6.40 9.49
CA ALA A 60 -11.16 -7.24 9.65
C ALA A 60 -10.65 -6.97 11.04
N ILE A 61 -10.21 -8.01 11.72
CA ILE A 61 -9.77 -7.90 13.10
C ILE A 61 -8.29 -8.30 13.18
N LYS A 62 -7.43 -7.33 13.47
CA LYS A 62 -5.99 -7.53 13.38
C LYS A 62 -5.33 -7.48 14.74
N HIS A 63 -4.69 -8.59 15.10
CA HIS A 63 -4.02 -8.72 16.39
C HIS A 63 -2.52 -8.54 16.20
N VAL A 64 -1.90 -7.71 17.04
CA VAL A 64 -0.45 -7.61 17.11
C VAL A 64 0.06 -7.78 18.54
N GLU A 65 0.98 -8.71 18.76
CA GLU A 65 1.58 -8.86 20.09
C GLU A 65 2.51 -7.67 20.42
N LYS A 66 2.44 -7.19 21.66
CA LYS A 66 3.25 -6.04 22.08
C LYS A 66 4.74 -6.32 21.96
N ASP A 67 5.16 -7.52 22.33
CA ASP A 67 6.58 -7.89 22.28
C ASP A 67 7.09 -7.84 20.84
N ARG A 68 6.20 -8.04 19.88
CA ARG A 68 6.58 -8.09 18.47
C ARG A 68 6.52 -6.72 17.81
N ILE A 69 6.17 -5.68 18.58
CA ILE A 69 6.07 -4.32 18.05
C ILE A 69 7.38 -3.55 18.20
N SER A 70 7.80 -2.91 17.10
CA SER A 70 9.12 -2.27 17.04
C SER A 70 9.00 -0.75 17.11
N ASP A 71 7.99 -0.22 16.42
CA ASP A 71 7.77 1.22 16.34
C ASP A 71 6.57 1.67 17.17
N TRP A 72 6.81 2.46 18.19
CA TRP A 72 5.70 2.98 18.98
C TRP A 72 5.43 4.44 18.65
N GLY A 73 4.19 4.84 18.87
CA GLY A 73 3.80 6.22 18.68
C GLY A 73 2.94 6.67 19.83
N GLU A 74 2.47 7.91 19.78
CA GLU A 74 1.61 8.42 20.84
C GLU A 74 0.47 9.22 20.26
N LEU A 75 -0.72 9.02 20.81
CA LEU A 75 -1.89 9.79 20.40
C LEU A 75 -1.79 11.18 21.00
N PRO A 76 -2.67 12.11 20.58
CA PRO A 76 -2.63 13.47 21.13
C PRO A 76 -2.59 13.47 22.65
N ASN A 77 -3.40 12.63 23.29
CA ASN A 77 -3.34 12.46 24.74
C ASN A 77 -2.15 11.57 25.13
N GLY A 78 -2.12 11.13 26.39
CA GLY A 78 -0.97 10.40 26.90
C GLY A 78 -0.69 9.03 26.28
N THR A 79 -1.74 8.35 25.82
CA THR A 79 -1.65 6.94 25.47
C THR A 79 -0.62 6.57 24.39
N ARG A 80 0.23 5.60 24.72
CA ARG A 80 1.22 5.05 23.82
C ARG A 80 0.63 3.88 23.02
N VAL A 81 0.69 3.98 21.70
CA VAL A 81 0.09 2.98 20.83
C VAL A 81 1.08 2.59 19.75
N PRO A 82 0.79 1.50 19.03
CA PRO A 82 1.58 1.19 17.84
C PRO A 82 1.55 2.37 16.87
N MET A 83 2.69 2.66 16.26
CA MET A 83 2.77 3.71 15.24
C MET A 83 1.64 3.58 14.23
N GLU A 84 1.36 2.34 13.86
CA GLU A 84 0.31 2.01 12.90
C GLU A 84 -1.03 2.66 13.26
N VAL A 85 -1.36 2.68 14.56
CA VAL A 85 -2.62 3.29 15.00
C VAL A 85 -2.59 4.81 14.79
N VAL A 86 -1.48 5.43 15.19
CA VAL A 86 -1.24 6.85 14.92
C VAL A 86 -1.47 7.15 13.44
N LEU A 87 -0.72 6.47 12.58
CA LEU A 87 -0.79 6.71 11.14
C LEU A 87 -2.19 6.50 10.59
N LEU A 88 -2.85 5.45 11.05
CA LEU A 88 -4.17 5.13 10.53
C LEU A 88 -5.18 6.19 10.90
N LYS A 89 -5.05 6.75 12.10
CA LYS A 89 -5.95 7.83 12.52
C LYS A 89 -5.73 9.11 11.74
N LYS A 90 -4.48 9.34 11.34
CA LYS A 90 -4.17 10.52 10.54
C LYS A 90 -4.76 10.43 9.12
N VAL A 91 -4.83 9.22 8.58
CA VAL A 91 -5.34 9.05 7.21
C VAL A 91 -6.79 8.59 7.14
N SER A 92 -7.31 8.06 8.26
CA SER A 92 -8.64 7.45 8.26
C SER A 92 -9.79 8.43 8.34
N SER A 93 -9.50 9.70 8.09
CA SER A 93 -10.56 10.72 8.06
C SER A 93 -11.12 10.85 6.66
N GLY A 94 -12.45 10.84 6.57
CA GLY A 94 -13.13 10.99 5.31
C GLY A 94 -13.04 9.75 4.46
N PHE A 95 -13.45 9.88 3.19
CA PHE A 95 -13.35 8.80 2.21
C PHE A 95 -11.97 8.77 1.54
N SER A 96 -11.53 7.57 1.18
CA SER A 96 -10.35 7.47 0.31
C SER A 96 -10.00 6.05 -0.16
N GLY A 97 -8.87 5.94 -0.83
CA GLY A 97 -8.38 4.65 -1.27
C GLY A 97 -7.48 4.12 -0.18
N VAL A 98 -7.78 4.49 1.05
CA VAL A 98 -7.11 3.93 2.21
C VAL A 98 -8.09 3.18 3.10
N ILE A 99 -7.71 1.97 3.52
CA ILE A 99 -8.47 1.20 4.47
C ILE A 99 -8.75 1.98 5.77
N ARG A 100 -10.00 2.06 6.17
CA ARG A 100 -10.40 2.85 7.34
C ARG A 100 -10.22 2.09 8.67
N LEU A 101 -9.58 2.72 9.65
CA LEU A 101 -9.54 2.20 11.01
C LEU A 101 -10.86 2.53 11.73
N LEU A 102 -11.64 1.52 12.09
CA LEU A 102 -12.92 1.76 12.76
C LEU A 102 -12.78 1.86 14.28
N ASP A 103 -11.86 1.10 14.84
CA ASP A 103 -11.67 1.07 16.30
C ASP A 103 -10.40 0.30 16.65
N TRP A 104 -9.94 0.46 17.88
CA TRP A 104 -8.83 -0.32 18.41
C TRP A 104 -9.00 -0.60 19.90
N PHE A 105 -8.35 -1.67 20.36
CA PHE A 105 -8.45 -2.09 21.74
C PHE A 105 -7.07 -2.49 22.22
N GLU A 106 -6.79 -2.22 23.49
CA GLU A 106 -5.56 -2.72 24.09
C GLU A 106 -5.85 -3.92 24.99
N ARG A 107 -5.02 -4.94 24.87
CA ARG A 107 -5.07 -6.09 25.76
C ARG A 107 -3.75 -6.15 26.53
N PRO A 108 -3.68 -7.00 27.55
CA PRO A 108 -2.43 -7.08 28.31
C PRO A 108 -1.20 -7.28 27.43
N ASP A 109 -1.27 -8.18 26.46
CA ASP A 109 -0.09 -8.52 25.67
C ASP A 109 -0.18 -8.15 24.19
N SER A 110 -1.26 -7.48 23.81
CA SER A 110 -1.45 -7.16 22.40
C SER A 110 -2.36 -5.98 22.17
N PHE A 111 -2.41 -5.52 20.93
CA PHE A 111 -3.36 -4.54 20.48
C PHE A 111 -4.21 -5.20 19.41
N VAL A 112 -5.47 -4.81 19.35
CA VAL A 112 -6.39 -5.36 18.37
C VAL A 112 -6.99 -4.21 17.56
N LEU A 113 -6.84 -4.26 16.25
CA LEU A 113 -7.37 -3.20 15.38
C LEU A 113 -8.59 -3.68 14.65
N ILE A 114 -9.58 -2.81 14.53
CA ILE A 114 -10.78 -3.12 13.76
C ILE A 114 -10.74 -2.28 12.49
N LEU A 115 -10.79 -2.94 11.35
CA LEU A 115 -10.59 -2.28 10.06
C LEU A 115 -11.74 -2.57 9.12
N GLU A 116 -11.91 -1.69 8.15
CA GLU A 116 -12.90 -1.87 7.12
C GLU A 116 -12.60 -3.14 6.30
N ARG A 117 -13.64 -3.86 5.90
CA ARG A 117 -13.46 -5.03 5.04
C ARG A 117 -14.41 -5.03 3.85
N PRO A 118 -13.90 -4.69 2.66
CA PRO A 118 -14.74 -4.79 1.46
C PRO A 118 -15.10 -6.24 1.22
N GLU A 119 -16.19 -6.49 0.50
CA GLU A 119 -16.64 -7.85 0.23
C GLU A 119 -17.52 -7.80 -1.02
N PRO A 120 -17.15 -8.55 -2.07
CA PRO A 120 -15.94 -9.40 -2.13
C PRO A 120 -14.67 -8.60 -2.41
N VAL A 121 -13.53 -9.17 -2.03
CA VAL A 121 -12.26 -8.48 -2.08
C VAL A 121 -11.16 -9.46 -2.55
N GLN A 122 -10.11 -8.92 -3.16
CA GLN A 122 -8.93 -9.72 -3.54
C GLN A 122 -7.72 -8.77 -3.56
N ASP A 123 -6.62 -9.17 -2.94
CA ASP A 123 -5.42 -8.33 -3.02
C ASP A 123 -4.84 -8.35 -4.44
N LEU A 124 -4.03 -7.35 -4.76
CA LEU A 124 -3.54 -7.21 -6.12
C LEU A 124 -2.52 -8.31 -6.44
N PHE A 125 -1.83 -8.79 -5.42
CA PHE A 125 -0.88 -9.87 -5.64
C PHE A 125 -1.62 -11.10 -6.19
N ASP A 126 -2.63 -11.56 -5.44
CA ASP A 126 -3.43 -12.69 -5.89
C ASP A 126 -4.05 -12.42 -7.25
N PHE A 127 -4.47 -11.18 -7.47
CA PHE A 127 -5.13 -10.82 -8.73
C PHE A 127 -4.19 -11.01 -9.92
N ILE A 128 -2.94 -10.64 -9.73
CA ILE A 128 -1.95 -10.74 -10.79
C ILE A 128 -1.53 -12.21 -10.97
N THR A 129 -1.47 -12.94 -9.87
CA THR A 129 -1.23 -14.38 -9.92
C THR A 129 -2.27 -15.07 -10.81
N GLU A 130 -3.55 -14.75 -10.62
CA GLU A 130 -4.60 -15.34 -11.45
C GLU A 130 -4.64 -14.82 -12.89
N ARG A 131 -4.41 -13.52 -13.07
CA ARG A 131 -4.57 -12.90 -14.40
C ARG A 131 -3.30 -12.84 -15.23
N GLY A 132 -2.13 -12.94 -14.59
CA GLY A 132 -0.88 -12.60 -15.26
C GLY A 132 -0.74 -11.10 -15.50
N ALA A 133 0.15 -10.71 -16.41
CA ALA A 133 0.29 -9.29 -16.78
C ALA A 133 -1.06 -8.63 -17.13
N LEU A 134 -1.26 -7.43 -16.58
CA LEU A 134 -2.48 -6.67 -16.76
C LEU A 134 -2.50 -5.87 -18.08
N GLN A 135 -3.66 -5.87 -18.74
CA GLN A 135 -3.90 -4.91 -19.81
C GLN A 135 -3.55 -3.49 -19.36
N GLU A 136 -2.90 -2.73 -20.22
CA GLU A 136 -2.49 -1.37 -19.87
C GLU A 136 -3.66 -0.47 -19.40
N GLU A 137 -4.81 -0.65 -20.02
CA GLU A 137 -5.97 0.14 -19.64
C GLU A 137 -6.33 -0.13 -18.18
N LEU A 138 -6.22 -1.41 -17.79
CA LEU A 138 -6.51 -1.81 -16.43
C LEU A 138 -5.41 -1.35 -15.46
N ALA A 139 -4.16 -1.51 -15.88
CA ALA A 139 -3.03 -1.05 -15.08
C ALA A 139 -3.06 0.48 -14.87
N ARG A 140 -3.50 1.23 -15.88
CA ARG A 140 -3.62 2.69 -15.78
C ARG A 140 -4.62 3.06 -14.68
N SER A 141 -5.77 2.38 -14.69
CA SER A 141 -6.83 2.63 -13.70
C SER A 141 -6.39 2.28 -12.29
N PHE A 142 -5.80 1.10 -12.14
CA PHE A 142 -5.26 0.70 -10.85
C PHE A 142 -4.18 1.67 -10.35
N PHE A 143 -3.21 1.99 -11.21
CA PHE A 143 -2.07 2.82 -10.83
C PHE A 143 -2.52 4.23 -10.45
N TRP A 144 -3.48 4.77 -11.20
CA TRP A 144 -4.07 6.07 -10.91
C TRP A 144 -4.66 6.09 -9.50
N GLN A 145 -5.48 5.10 -9.17
CA GLN A 145 -6.08 5.02 -7.85
C GLN A 145 -5.01 4.86 -6.76
N VAL A 146 -3.92 4.15 -7.06
CA VAL A 146 -2.85 4.04 -6.07
C VAL A 146 -2.21 5.41 -5.83
N LEU A 147 -1.94 6.14 -6.90
CA LEU A 147 -1.43 7.50 -6.78
C LEU A 147 -2.31 8.45 -5.94
N GLU A 148 -3.63 8.41 -6.15
CA GLU A 148 -4.52 9.27 -5.36
C GLU A 148 -4.48 8.91 -3.87
N ALA A 149 -4.39 7.61 -3.58
CA ALA A 149 -4.30 7.12 -2.21
C ALA A 149 -3.00 7.57 -1.54
N VAL A 150 -1.90 7.50 -2.28
CA VAL A 150 -0.60 7.87 -1.75
C VAL A 150 -0.49 9.37 -1.57
N ARG A 151 -1.07 10.13 -2.50
CA ARG A 151 -1.17 11.58 -2.36
C ARG A 151 -1.93 11.92 -1.09
N HIS A 152 -3.05 11.25 -0.88
CA HIS A 152 -3.84 11.40 0.33
C HIS A 152 -3.03 11.17 1.60
N CYS A 153 -2.25 10.08 1.63
CA CYS A 153 -1.42 9.80 2.79
C CYS A 153 -0.42 10.91 3.07
N HIS A 154 0.28 11.35 2.02
CA HIS A 154 1.32 12.37 2.16
C HIS A 154 0.69 13.68 2.63
N ASN A 155 -0.47 13.97 2.06
CA ASN A 155 -1.29 15.08 2.50
C ASN A 155 -1.58 15.09 4.00
N CYS A 156 -1.81 13.92 4.55
CA CYS A 156 -2.15 13.77 5.96
C CYS A 156 -0.90 13.59 6.81
N GLY A 157 0.27 13.76 6.18
CA GLY A 157 1.53 13.69 6.88
C GLY A 157 2.02 12.29 7.17
N VAL A 158 1.58 11.34 6.34
CA VAL A 158 1.90 9.93 6.54
C VAL A 158 2.68 9.35 5.36
N LEU A 159 3.76 8.65 5.66
CA LEU A 159 4.53 7.94 4.66
C LEU A 159 4.31 6.44 4.85
N HIS A 160 3.79 5.76 3.82
CA HIS A 160 3.43 4.34 3.96
C HIS A 160 4.64 3.43 4.08
N ARG A 161 5.61 3.60 3.18
CA ARG A 161 6.87 2.86 3.20
C ARG A 161 6.81 1.35 2.85
N ASP A 162 5.64 0.84 2.48
CA ASP A 162 5.61 -0.54 2.00
C ASP A 162 4.61 -0.73 0.87
N ILE A 163 4.59 0.20 -0.08
CA ILE A 163 3.68 0.10 -1.21
C ILE A 163 4.06 -1.10 -2.09
N LYS A 164 3.10 -1.98 -2.34
CA LYS A 164 3.31 -3.17 -3.18
C LYS A 164 1.97 -3.89 -3.40
N ASP A 165 1.94 -4.84 -4.34
CA ASP A 165 0.68 -5.49 -4.69
C ASP A 165 -0.05 -6.19 -3.54
N GLU A 166 0.70 -6.81 -2.61
CA GLU A 166 0.08 -7.46 -1.44
C GLU A 166 -0.61 -6.47 -0.50
N ASN A 167 -0.17 -5.22 -0.49
CA ASN A 167 -0.73 -4.21 0.43
C ASN A 167 -1.78 -3.35 -0.24
N ILE A 168 -2.30 -3.86 -1.35
CA ILE A 168 -3.37 -3.20 -2.05
C ILE A 168 -4.58 -4.12 -2.20
N LEU A 169 -5.73 -3.71 -1.69
CA LEU A 169 -6.95 -4.49 -1.83
C LEU A 169 -7.84 -3.98 -2.97
N ILE A 170 -8.46 -4.90 -3.69
CA ILE A 170 -9.43 -4.54 -4.71
C ILE A 170 -10.85 -4.80 -4.19
N ASP A 171 -11.67 -3.75 -4.19
CA ASP A 171 -13.09 -3.90 -3.94
C ASP A 171 -13.70 -4.33 -5.27
N LEU A 172 -13.84 -5.64 -5.46
CA LEU A 172 -14.22 -6.20 -6.77
C LEU A 172 -15.54 -5.68 -7.35
N ASN A 173 -16.52 -5.36 -6.51
CA ASN A 173 -17.80 -4.85 -7.00
C ASN A 173 -17.69 -3.42 -7.53
N ARG A 174 -16.98 -2.56 -6.80
CA ARG A 174 -16.86 -1.16 -7.14
C ARG A 174 -15.65 -0.78 -8.02
N GLY A 175 -14.68 -1.69 -8.15
CA GLY A 175 -13.46 -1.40 -8.88
C GLY A 175 -12.60 -0.37 -8.18
N GLU A 176 -12.73 -0.27 -6.86
CA GLU A 176 -11.93 0.67 -6.07
C GLU A 176 -10.80 -0.05 -5.34
N LEU A 177 -9.59 0.50 -5.44
CA LEU A 177 -8.42 -0.02 -4.73
C LEU A 177 -8.27 0.63 -3.36
N LYS A 178 -7.72 -0.13 -2.41
CA LYS A 178 -7.56 0.33 -1.03
C LYS A 178 -6.20 -0.07 -0.48
N LEU A 179 -5.47 0.91 0.06
CA LEU A 179 -4.15 0.70 0.62
C LEU A 179 -4.26 0.12 2.04
N ILE A 180 -3.44 -0.87 2.37
CA ILE A 180 -3.48 -1.47 3.69
C ILE A 180 -2.09 -1.59 4.30
N ASP A 181 -2.07 -1.87 5.59
CA ASP A 181 -0.86 -2.23 6.33
C ASP A 181 0.14 -1.08 6.46
N PHE A 182 -0.13 -0.18 7.40
CA PHE A 182 0.78 0.93 7.69
C PHE A 182 1.81 0.58 8.77
N GLY A 183 1.99 -0.71 9.00
CA GLY A 183 2.87 -1.17 10.06
C GLY A 183 4.36 -0.94 9.87
N SER A 184 4.76 -0.55 8.66
CA SER A 184 6.15 -0.16 8.40
C SER A 184 6.26 1.36 8.15
N GLY A 185 5.17 2.08 8.38
CA GLY A 185 5.11 3.47 7.97
C GLY A 185 5.78 4.44 8.94
N ALA A 186 5.75 5.72 8.57
CA ALA A 186 6.30 6.77 9.42
C ALA A 186 5.58 8.08 9.17
N LEU A 187 5.71 9.00 10.10
CA LEU A 187 5.31 10.38 9.84
C LEU A 187 6.16 10.91 8.69
N LEU A 188 5.54 11.63 7.78
CA LEU A 188 6.26 12.26 6.69
C LEU A 188 7.12 13.41 7.22
N LYS A 189 8.38 13.47 6.78
CA LYS A 189 9.29 14.55 7.13
C LYS A 189 10.11 14.93 5.90
N ASP A 190 10.80 16.07 5.97
CA ASP A 190 11.58 16.56 4.82
C ASP A 190 13.04 16.20 4.97
N THR A 191 13.41 15.65 6.11
CA THR A 191 14.79 15.25 6.35
C THR A 191 14.99 13.76 6.04
N VAL A 192 16.23 13.29 6.16
CA VAL A 192 16.58 11.96 5.71
C VAL A 192 16.07 10.86 6.64
N TYR A 193 15.72 9.72 6.05
CA TYR A 193 15.36 8.50 6.81
C TYR A 193 16.55 7.56 6.83
N THR A 194 16.83 6.96 7.98
CA THR A 194 17.93 6.02 8.09
C THR A 194 17.46 4.66 8.61
N ASP A 195 16.15 4.54 8.79
CA ASP A 195 15.54 3.27 9.19
C ASP A 195 14.59 2.80 8.09
N PHE A 196 14.52 1.49 7.89
CA PHE A 196 13.61 0.90 6.92
C PHE A 196 13.30 -0.55 7.28
N ASP A 197 12.03 -0.88 7.40
CA ASP A 197 11.63 -2.27 7.61
C ASP A 197 10.46 -2.63 6.68
N GLY A 198 10.47 -2.08 5.47
CA GLY A 198 9.50 -2.47 4.47
C GLY A 198 10.01 -3.62 3.63
N THR A 199 9.54 -3.72 2.39
CA THR A 199 9.93 -4.82 1.52
C THR A 199 11.15 -4.47 0.67
N ARG A 200 12.20 -5.27 0.83
CA ARG A 200 13.49 -4.96 0.22
C ARG A 200 13.47 -4.81 -1.31
N VAL A 201 12.78 -5.72 -2.00
CA VAL A 201 12.76 -5.67 -3.48
C VAL A 201 11.98 -4.47 -4.03
N TYR A 202 11.29 -3.75 -3.14
CA TYR A 202 10.61 -2.50 -3.50
C TYR A 202 11.36 -1.26 -2.99
N SER A 203 12.49 -1.47 -2.31
CA SER A 203 13.27 -0.38 -1.72
C SER A 203 14.32 0.19 -2.70
N PRO A 204 14.61 1.49 -2.59
CA PRO A 204 15.41 2.15 -3.62
C PRO A 204 16.91 1.85 -3.48
N PRO A 205 17.67 2.14 -4.53
CA PRO A 205 19.11 1.86 -4.50
C PRO A 205 19.86 2.67 -3.44
N GLU A 206 19.41 3.90 -3.14
CA GLU A 206 20.04 4.70 -2.10
C GLU A 206 19.86 4.07 -0.70
N TRP A 207 18.78 3.34 -0.48
CA TRP A 207 18.67 2.55 0.75
C TRP A 207 19.67 1.39 0.75
N ILE A 208 19.70 0.62 -0.34
CA ILE A 208 20.60 -0.53 -0.44
C ILE A 208 22.07 -0.11 -0.24
N ARG A 209 22.50 0.96 -0.93
CA ARG A 209 23.89 1.42 -0.87
C ARG A 209 24.26 2.23 0.36
N TYR A 210 23.38 3.11 0.82
CA TYR A 210 23.78 4.06 1.87
C TYR A 210 22.90 4.04 3.12
N HIS A 211 21.85 3.23 3.11
CA HIS A 211 20.91 3.25 4.21
C HIS A 211 20.38 4.66 4.46
N ARG A 212 20.15 5.40 3.38
CA ARG A 212 19.59 6.75 3.47
C ARG A 212 18.59 6.97 2.32
N TYR A 213 17.45 7.57 2.63
CA TYR A 213 16.51 7.90 1.57
C TYR A 213 15.63 9.06 2.02
N HIS A 214 14.98 9.72 1.08
CA HIS A 214 13.96 10.69 1.43
C HIS A 214 12.60 10.13 1.07
N GLY A 215 11.57 10.62 1.73
CA GLY A 215 10.27 9.98 1.71
C GLY A 215 9.61 9.87 0.35
N ARG A 216 9.40 11.02 -0.29
CA ARG A 216 8.69 11.06 -1.57
C ARG A 216 9.38 10.28 -2.68
N SER A 217 10.68 10.50 -2.83
CA SER A 217 11.41 9.82 -3.91
C SER A 217 11.58 8.31 -3.68
N ALA A 218 11.66 7.87 -2.42
CA ALA A 218 11.65 6.44 -2.12
C ALA A 218 10.28 5.86 -2.45
N ALA A 219 9.22 6.63 -2.19
CA ALA A 219 7.86 6.19 -2.53
C ALA A 219 7.68 6.03 -4.04
N VAL A 220 8.20 7.00 -4.79
CA VAL A 220 8.08 6.99 -6.24
C VAL A 220 8.83 5.80 -6.83
N TRP A 221 9.98 5.47 -6.26
CA TRP A 221 10.70 4.27 -6.68
C TRP A 221 9.78 3.04 -6.55
N SER A 222 9.17 2.87 -5.38
CA SER A 222 8.30 1.73 -5.13
C SER A 222 7.08 1.73 -6.07
N LEU A 223 6.58 2.91 -6.42
CA LEU A 223 5.51 3.03 -7.41
C LEU A 223 5.98 2.53 -8.77
N GLY A 224 7.22 2.83 -9.13
CA GLY A 224 7.78 2.29 -10.36
C GLY A 224 7.85 0.76 -10.38
N ILE A 225 8.26 0.16 -9.26
CA ILE A 225 8.30 -1.30 -9.11
C ILE A 225 6.89 -1.88 -9.30
N LEU A 226 5.92 -1.28 -8.61
CA LEU A 226 4.52 -1.66 -8.66
C LEU A 226 3.97 -1.61 -10.09
N LEU A 227 4.26 -0.52 -10.80
CA LEU A 227 3.75 -0.36 -12.16
C LEU A 227 4.37 -1.43 -13.07
N TYR A 228 5.67 -1.70 -12.92
CA TYR A 228 6.31 -2.76 -13.69
C TYR A 228 5.62 -4.10 -13.40
N ASP A 229 5.44 -4.38 -12.12
CA ASP A 229 4.75 -5.58 -11.63
C ASP A 229 3.41 -5.80 -12.33
N MET A 230 2.63 -4.72 -12.48
CA MET A 230 1.32 -4.79 -13.10
C MET A 230 1.39 -5.11 -14.58
N VAL A 231 2.24 -4.41 -15.32
CA VAL A 231 2.22 -4.60 -16.77
C VAL A 231 3.10 -5.78 -17.24
N CYS A 232 3.93 -6.32 -16.36
CA CYS A 232 4.79 -7.45 -16.72
C CYS A 232 4.46 -8.74 -15.96
N GLY A 233 3.62 -8.64 -14.93
CA GLY A 233 3.27 -9.81 -14.14
C GLY A 233 4.27 -10.20 -13.07
N ASP A 234 5.37 -9.47 -12.93
CA ASP A 234 6.37 -9.73 -11.90
C ASP A 234 7.19 -8.48 -11.65
N ILE A 235 7.84 -8.39 -10.51
CA ILE A 235 8.72 -7.26 -10.22
C ILE A 235 10.01 -7.37 -11.04
N PRO A 236 10.65 -6.24 -11.34
CA PRO A 236 11.81 -6.22 -12.24
C PRO A 236 13.12 -6.66 -11.59
N PHE A 237 13.26 -6.48 -10.27
CA PHE A 237 14.52 -6.77 -9.58
C PHE A 237 14.36 -7.78 -8.45
N GLU A 238 15.32 -8.70 -8.34
CA GLU A 238 15.35 -9.64 -7.21
C GLU A 238 16.52 -9.37 -6.26
N HIS A 239 17.69 -9.10 -6.82
CA HIS A 239 18.91 -9.00 -6.03
C HIS A 239 19.38 -7.56 -5.83
N ASP A 240 20.04 -7.31 -4.71
CA ASP A 240 20.61 -5.99 -4.41
C ASP A 240 21.35 -5.40 -5.61
N GLU A 241 22.16 -6.22 -6.28
CA GLU A 241 22.98 -5.76 -7.40
C GLU A 241 22.17 -5.26 -8.60
N GLU A 242 21.02 -5.90 -8.84
CA GLU A 242 20.09 -5.47 -9.88
C GLU A 242 19.43 -4.14 -9.56
N ILE A 243 18.99 -4.00 -8.31
CA ILE A 243 18.42 -2.74 -7.82
C ILE A 243 19.42 -1.61 -8.03
N ILE A 244 20.66 -1.85 -7.62
CA ILE A 244 21.73 -0.86 -7.72
C ILE A 244 22.06 -0.49 -9.16
N ARG A 245 22.03 -1.47 -10.05
CA ARG A 245 22.30 -1.22 -11.45
C ARG A 245 21.13 -0.48 -12.13
N GLY A 246 19.92 -0.77 -11.68
CA GLY A 246 18.74 -0.05 -12.14
C GLY A 246 18.43 -0.18 -13.62
N GLN A 247 18.96 -1.23 -14.24
CA GLN A 247 18.69 -1.49 -15.65
C GLN A 247 17.36 -2.25 -15.81
N VAL A 248 16.40 -1.65 -16.51
CA VAL A 248 15.08 -2.27 -16.64
C VAL A 248 14.90 -3.06 -17.94
N PHE A 249 14.68 -4.38 -17.82
CA PHE A 249 14.38 -5.22 -18.98
C PHE A 249 12.91 -5.60 -18.97
N PHE A 250 12.23 -5.31 -20.06
CA PHE A 250 10.81 -5.65 -20.20
C PHE A 250 10.60 -7.03 -20.78
N ARG A 251 9.96 -7.89 -19.98
CA ARG A 251 9.79 -9.30 -20.31
C ARG A 251 8.48 -9.53 -21.05
N GLN A 252 7.68 -8.48 -21.13
CA GLN A 252 6.37 -8.55 -21.73
C GLN A 252 6.24 -7.34 -22.66
N ARG A 253 5.36 -7.43 -23.65
CA ARG A 253 5.14 -6.31 -24.54
C ARG A 253 4.49 -5.15 -23.78
N VAL A 254 5.15 -3.99 -23.76
CA VAL A 254 4.66 -2.81 -23.03
C VAL A 254 4.87 -1.59 -23.94
N SER A 255 3.87 -0.72 -24.00
CA SER A 255 3.98 0.47 -24.85
C SER A 255 5.20 1.29 -24.46
N SEP A 256 5.65 2.10 -25.40
CA SEP A 256 6.82 2.96 -25.22
CB SEP A 256 7.19 3.59 -26.57
OG SEP A 256 7.68 2.59 -27.49
C SEP A 256 6.57 4.02 -24.14
O SEP A 256 7.48 4.38 -23.39
P SEP A 256 6.74 2.34 -28.82
O1P SEP A 256 7.37 1.25 -29.86
O2P SEP A 256 6.49 3.73 -29.62
O3P SEP A 256 5.30 1.75 -28.34
N GLU A 257 5.35 4.51 -24.06
CA GLU A 257 4.98 5.53 -23.08
C GLU A 257 4.99 4.95 -21.68
N CYS A 258 4.49 3.73 -21.54
CA CYS A 258 4.48 3.07 -20.23
C CYS A 258 5.91 2.74 -19.78
N GLN A 259 6.74 2.24 -20.70
CA GLN A 259 8.15 1.97 -20.40
C GLN A 259 8.88 3.23 -19.92
N HIS A 260 8.56 4.35 -20.53
CA HIS A 260 9.20 5.61 -20.19
C HIS A 260 8.81 6.07 -18.77
N LEU A 261 7.52 5.99 -18.45
CA LEU A 261 7.07 6.32 -17.09
C LEU A 261 7.73 5.43 -16.03
N ILE A 262 7.79 4.14 -16.30
CA ILE A 262 8.44 3.20 -15.39
C ILE A 262 9.91 3.55 -15.20
N ARG A 263 10.61 3.80 -16.29
CA ARG A 263 12.04 4.09 -16.19
C ARG A 263 12.29 5.40 -15.48
N TRP A 264 11.33 6.31 -15.56
CA TRP A 264 11.48 7.62 -14.93
C TRP A 264 11.32 7.45 -13.41
N CYS A 265 10.29 6.72 -12.98
CA CYS A 265 10.11 6.39 -11.57
C CYS A 265 11.31 5.63 -10.99
N LEU A 266 11.97 4.85 -11.84
CA LEU A 266 13.12 4.06 -11.42
C LEU A 266 14.47 4.73 -11.73
N ALA A 267 14.51 6.04 -11.88
CA ALA A 267 15.81 6.70 -12.01
C ALA A 267 16.70 6.42 -10.79
N LEU A 268 17.99 6.21 -11.01
CA LEU A 268 18.92 5.89 -9.94
C LEU A 268 19.14 7.09 -9.00
N ARG A 269 19.22 8.29 -9.57
CA ARG A 269 19.31 9.48 -8.75
C ARG A 269 17.94 9.88 -8.25
N PRO A 270 17.77 9.89 -6.92
CA PRO A 270 16.46 10.25 -6.36
C PRO A 270 15.88 11.52 -6.99
N SER A 271 16.69 12.55 -7.21
CA SER A 271 16.16 13.83 -7.70
C SER A 271 15.73 13.74 -9.18
N ASP A 272 16.17 12.68 -9.85
CA ASP A 272 15.76 12.46 -11.23
C ASP A 272 14.35 11.87 -11.36
N ARG A 273 13.77 11.37 -10.26
CA ARG A 273 12.42 10.78 -10.32
C ARG A 273 11.31 11.83 -10.40
N PRO A 274 10.16 11.46 -10.99
CA PRO A 274 9.03 12.40 -11.08
C PRO A 274 8.37 12.68 -9.73
N THR A 275 7.75 13.84 -9.60
CA THR A 275 6.85 14.13 -8.49
C THR A 275 5.51 13.43 -8.76
N PHE A 276 4.64 13.36 -7.76
CA PHE A 276 3.33 12.76 -7.98
C PHE A 276 2.63 13.49 -9.10
N GLU A 277 2.77 14.82 -9.12
CA GLU A 277 2.17 15.64 -10.17
C GLU A 277 2.67 15.31 -11.57
N GLU A 278 3.98 15.17 -11.73
CA GLU A 278 4.54 14.77 -13.04
C GLU A 278 4.10 13.36 -13.46
N ILE A 279 3.95 12.45 -12.50
CA ILE A 279 3.44 11.13 -12.83
C ILE A 279 2.02 11.22 -13.41
N GLN A 280 1.15 11.96 -12.74
CA GLN A 280 -0.24 12.04 -13.17
C GLN A 280 -0.48 12.90 -14.40
N ASN A 281 0.51 13.74 -14.75
CA ASN A 281 0.45 14.50 -16.00
C ASN A 281 1.16 13.81 -17.15
N HIS A 282 1.73 12.63 -16.87
CA HIS A 282 2.42 11.86 -17.91
C HIS A 282 1.44 11.41 -19.01
N PRO A 283 1.89 11.42 -20.28
CA PRO A 283 1.04 10.98 -21.39
C PRO A 283 0.39 9.61 -21.15
N TRP A 284 1.08 8.70 -20.49
CA TRP A 284 0.51 7.36 -20.29
C TRP A 284 -0.67 7.35 -19.33
N MET A 285 -0.78 8.39 -18.50
CA MET A 285 -1.77 8.44 -17.43
C MET A 285 -3.06 9.14 -17.85
N GLN A 286 -3.15 9.56 -19.11
CA GLN A 286 -4.32 10.32 -19.57
C GLN A 286 -5.52 9.41 -19.84
N ASP A 287 -6.72 9.99 -19.72
CA ASP A 287 -7.95 9.30 -20.05
C ASP A 287 -8.20 8.04 -19.21
N VAL A 288 -7.86 8.09 -17.93
CA VAL A 288 -8.11 6.97 -17.02
C VAL A 288 -9.60 6.64 -16.98
N LEU A 289 -9.92 5.37 -16.76
CA LEU A 289 -11.30 4.94 -16.56
C LEU A 289 -11.73 5.27 -15.16
N LEU A 290 -13.04 5.47 -14.98
CA LEU A 290 -13.62 5.54 -13.64
C LEU A 290 -13.58 4.16 -13.00
N PRO A 291 -13.62 4.11 -11.65
CA PRO A 291 -13.56 2.82 -10.97
C PRO A 291 -14.68 1.87 -11.40
N GLN A 292 -15.90 2.37 -11.51
CA GLN A 292 -17.05 1.51 -11.79
C GLN A 292 -16.99 0.90 -13.19
N GLU A 293 -16.60 1.69 -14.18
CA GLU A 293 -16.42 1.13 -15.52
C GLU A 293 -15.21 0.18 -15.60
N THR A 294 -14.21 0.40 -14.76
CA THR A 294 -13.10 -0.52 -14.66
C THR A 294 -13.64 -1.88 -14.20
N ALA A 295 -14.55 -1.85 -13.22
CA ALA A 295 -15.16 -3.07 -12.71
C ALA A 295 -15.99 -3.75 -13.79
N GLU A 296 -16.81 -2.97 -14.48
CA GLU A 296 -17.69 -3.51 -15.51
C GLU A 296 -16.89 -4.20 -16.62
N ILE A 297 -15.89 -3.49 -17.13
CA ILE A 297 -15.05 -4.00 -18.22
C ILE A 297 -14.07 -5.11 -17.83
N HIS A 298 -13.51 -5.04 -16.63
CA HIS A 298 -12.37 -5.91 -16.28
C HIS A 298 -12.56 -6.84 -15.09
N LEU A 299 -13.53 -6.55 -14.23
CA LEU A 299 -13.64 -7.31 -13.00
C LEU A 299 -14.91 -8.17 -12.95
N HIS A 300 -15.99 -7.64 -13.50
CA HIS A 300 -17.25 -8.34 -13.57
C HIS A 300 -17.21 -9.38 -14.68
FAA E46 B . -8.50 -9.06 2.74
CBB E46 B . -9.35 -8.61 3.64
FAB E46 B . -10.26 -9.54 3.89
FAC E46 B . -9.97 -7.50 3.29
OAT E46 B . -8.59 -8.38 4.81
CAU E46 B . -8.29 -7.14 5.29
CAI E46 B . -6.99 -6.91 5.69
CAE E46 B . -9.24 -6.14 5.42
CAD E46 B . -8.85 -4.93 5.94
CAF E46 B . -7.53 -4.73 6.33
CAW E46 B . -6.55 -5.71 6.21
NBA E46 B . -5.29 -5.51 6.59
NAP E46 B . -4.90 -4.29 7.12
NAO E46 B . -3.53 -4.51 7.37
CAX E46 B . -3.20 -5.77 6.99
CAH E46 B . -2.00 -6.43 7.04
CAG E46 B . -1.93 -7.74 6.60
CAY E46 B . -4.32 -6.42 6.49
NAQ E46 B . -4.24 -7.71 6.05
CAV E46 B . -3.05 -8.37 6.11
NAS E46 B . -2.90 -9.67 5.69
CAN E46 B . -3.95 -10.45 5.08
CAZ E46 B . -4.05 -10.09 3.60
CAL E46 B . -4.61 -11.29 2.84
CAM E46 B . -2.68 -9.67 3.06
CAK E46 B . -2.74 -9.37 1.57
NAR E46 B . -4.06 -9.69 1.05
CAJ E46 B . -4.65 -10.99 1.34
N1 IMD C . 3.37 -12.07 -9.44
C2 IMD C . 3.67 -10.80 -9.05
N3 IMD C . 2.74 -10.41 -8.13
C4 IMD C . 1.88 -11.43 -7.95
C5 IMD C . 2.28 -12.49 -8.77
C ACT D . 12.88 13.57 -2.08
O ACT D . 12.02 12.83 -1.56
OXT ACT D . 12.68 14.80 -1.95
CH3 ACT D . 14.09 13.03 -2.76
#